data_2I6G
#
_entry.id   2I6G
#
_cell.length_a   100.889
_cell.length_b   60.155
_cell.length_c   72.249
_cell.angle_alpha   90.000
_cell.angle_beta   90.000
_cell.angle_gamma   90.000
#
_symmetry.space_group_name_H-M   'P 21 21 2'
#
loop_
_entity.id
_entity.type
_entity.pdbx_description
1 polymer 'Putative methyltransferase'
2 non-polymer 'CHLORIDE ION'
3 non-polymer 1,2-ETHANEDIOL
4 non-polymer 'ACETIC ACID'
5 water water
#
_entity_poly.entity_id   1
_entity_poly.type   'polypeptide(L)'
_entity_poly.pdbx_seq_one_letter_code
;G(MSE)TVRDENYFTE(MLY)YGLTRTHSDVLAAA(MLY)VVAPGRTLDLGCGNGRNSLYLAANGYDVTAWD(MLY)NPA
S(MSE)ANLERI(MLY)AAEGLDNLQTDLVDLNTLTFDGEYDFILSTVV(MSE)(MSE)FLEAQTIPGLIAN(MSE)QRC
T(MLY)PGGYNLIVAA(MSE)DTPDFPCTVGFPFAF(MLY)EGELRRYYEGWD(MSE)L(MLY)YNEDVGELHRTDENGN
RI(MLY)LRFAT(MSE)LAR(MLY)TA
;
_entity_poly.pdbx_strand_id   A,B
#
# COMPACT_ATOMS: atom_id res chain seq x y z
N GLY A 1 13.57 12.62 -16.91
CA GLY A 1 13.37 11.47 -17.84
C GLY A 1 13.04 10.21 -17.08
N THR A 3 12.34 7.48 -14.47
CA THR A 3 11.90 7.21 -13.11
C THR A 3 11.93 5.69 -13.04
N VAL A 4 12.91 5.16 -12.31
CA VAL A 4 13.06 3.71 -12.17
CA VAL A 4 13.09 3.72 -12.13
C VAL A 4 11.92 3.12 -11.35
N ARG A 5 11.38 1.98 -11.81
CA ARG A 5 10.26 1.33 -11.12
C ARG A 5 10.74 0.41 -10.01
N ASP A 6 11.22 1.04 -8.95
CA ASP A 6 11.70 0.36 -7.76
C ASP A 6 10.60 0.37 -6.69
N GLU A 7 10.94 -0.06 -5.47
CA GLU A 7 9.95 -0.13 -4.39
C GLU A 7 9.28 1.20 -4.04
N ASN A 8 9.99 2.31 -4.23
CA ASN A 8 9.44 3.61 -3.92
C ASN A 8 8.49 4.11 -5.01
N TYR A 9 8.79 3.75 -6.25
CA TYR A 9 7.89 4.04 -7.35
C TYR A 9 6.53 3.41 -7.06
N PHE A 10 6.52 2.11 -6.76
CA PHE A 10 5.23 1.43 -6.57
C PHE A 10 4.45 1.92 -5.35
N THR A 11 5.11 2.26 -4.24
CA THR A 11 4.37 2.78 -3.07
C THR A 11 3.80 4.16 -3.36
N GLU A 12 4.56 4.99 -4.04
CA GLU A 12 4.08 6.33 -4.38
C GLU A 12 2.89 6.29 -5.34
N TYR A 14 0.77 3.58 -6.24
CA TYR A 14 -0.41 2.75 -5.92
C TYR A 14 -0.77 2.64 -4.42
N GLY A 15 0.13 3.07 -3.53
CA GLY A 15 -0.14 3.12 -2.09
C GLY A 15 -0.32 1.77 -1.40
N LEU A 16 0.32 0.74 -1.94
CA LEU A 16 0.26 -0.58 -1.35
C LEU A 16 1.42 -0.67 -0.35
N THR A 17 1.37 -1.68 0.51
CA THR A 17 2.48 -1.86 1.45
C THR A 17 3.76 -2.09 0.65
N ARG A 18 4.87 -1.57 1.15
CA ARG A 18 6.15 -1.59 0.44
C ARG A 18 6.72 -2.99 0.20
N THR A 19 7.39 -3.14 -0.93
CA THR A 19 8.08 -4.36 -1.28
C THR A 19 8.89 -4.84 -0.07
N HIS A 20 8.75 -6.13 0.24
CA HIS A 20 9.39 -6.70 1.42
C HIS A 20 10.92 -6.51 1.37
N SER A 21 11.54 -6.07 2.46
CA SER A 21 12.97 -5.80 2.42
C SER A 21 13.84 -7.03 2.06
N ASP A 22 13.37 -8.23 2.35
CA ASP A 22 14.09 -9.48 2.02
C ASP A 22 13.97 -9.85 0.55
N VAL A 23 12.88 -9.40 -0.07
CA VAL A 23 12.73 -9.54 -1.52
C VAL A 23 13.71 -8.58 -2.20
N LEU A 24 13.80 -7.34 -1.70
CA LEU A 24 14.80 -6.39 -2.21
C LEU A 24 16.22 -6.94 -2.06
N ALA A 25 16.54 -7.53 -0.91
CA ALA A 25 17.89 -8.06 -0.68
C ALA A 25 18.16 -9.30 -1.54
N ALA A 26 17.18 -10.19 -1.64
CA ALA A 26 17.31 -11.39 -2.47
C ALA A 26 17.57 -11.04 -3.94
N ALA A 27 16.89 -10.00 -4.42
CA ALA A 27 17.05 -9.57 -5.81
C ALA A 27 18.49 -9.14 -6.14
N VAL A 29 21.03 -10.85 -5.19
CA VAL A 29 21.81 -12.08 -5.34
CA VAL A 29 21.74 -12.12 -5.23
C VAL A 29 21.22 -13.09 -6.32
N VAL A 30 19.90 -13.08 -6.50
CA VAL A 30 19.24 -13.99 -7.43
C VAL A 30 19.13 -13.33 -8.80
N ALA A 31 19.78 -13.91 -9.81
CA ALA A 31 19.73 -13.36 -11.15
C ALA A 31 18.30 -13.41 -11.70
N PRO A 32 17.87 -12.37 -12.42
CA PRO A 32 16.53 -12.43 -13.00
C PRO A 32 16.27 -13.76 -13.71
N GLY A 33 15.07 -14.29 -13.51
CA GLY A 33 14.68 -15.53 -14.11
C GLY A 33 13.21 -15.82 -13.85
N ARG A 34 12.84 -17.07 -14.07
CA ARG A 34 11.45 -17.49 -13.93
C ARG A 34 11.12 -17.66 -12.45
N THR A 35 10.16 -16.87 -12.00
CA THR A 35 9.88 -16.65 -10.60
C THR A 35 8.43 -16.90 -10.25
N LEU A 36 8.21 -17.62 -9.14
CA LEU A 36 6.88 -17.91 -8.63
C LEU A 36 6.75 -17.23 -7.27
N ASP A 37 5.82 -16.28 -7.19
CA ASP A 37 5.48 -15.59 -5.98
C ASP A 37 4.30 -16.38 -5.40
N LEU A 38 4.61 -17.28 -4.47
CA LEU A 38 3.63 -18.23 -3.98
C LEU A 38 2.94 -17.66 -2.73
N GLY A 39 1.80 -17.01 -2.96
CA GLY A 39 1.11 -16.25 -1.93
C GLY A 39 1.53 -14.79 -2.11
N CYS A 40 1.17 -14.21 -3.24
CA CYS A 40 1.65 -12.87 -3.63
C CYS A 40 0.95 -11.71 -2.90
N GLY A 41 -0.10 -12.00 -2.14
CA GLY A 41 -0.85 -10.96 -1.43
C GLY A 41 -1.30 -9.86 -2.38
N ASN A 42 -0.93 -8.61 -2.08
CA ASN A 42 -1.26 -7.47 -2.94
C ASN A 42 -0.41 -7.38 -4.23
N GLY A 43 0.59 -8.24 -4.38
CA GLY A 43 1.50 -8.16 -5.54
C GLY A 43 2.65 -7.19 -5.36
N ARG A 44 2.84 -6.63 -4.18
CA ARG A 44 3.95 -5.69 -3.95
C ARG A 44 5.28 -6.26 -4.44
N ASN A 45 5.52 -7.54 -4.17
CA ASN A 45 6.80 -8.17 -4.53
C ASN A 45 6.86 -8.56 -6.00
N SER A 46 5.73 -9.04 -6.51
CA SER A 46 5.59 -9.45 -7.91
C SER A 46 5.74 -8.27 -8.87
N LEU A 47 5.19 -7.12 -8.48
CA LEU A 47 5.28 -5.90 -9.28
C LEU A 47 6.73 -5.42 -9.38
N TYR A 48 7.41 -5.36 -8.24
CA TYR A 48 8.82 -5.02 -8.18
C TYR A 48 9.67 -5.95 -9.06
N LEU A 49 9.49 -7.25 -8.88
CA LEU A 49 10.28 -8.22 -9.62
C LEU A 49 10.03 -8.17 -11.11
N ALA A 50 8.77 -8.10 -11.50
CA ALA A 50 8.43 -8.06 -12.92
C ALA A 50 8.96 -6.78 -13.59
N ALA A 51 8.91 -5.65 -12.87
CA ALA A 51 9.46 -4.39 -13.41
C ALA A 51 10.97 -4.40 -13.53
N ASN A 52 11.62 -5.34 -12.85
CA ASN A 52 13.06 -5.43 -12.83
C ASN A 52 13.65 -6.71 -13.43
N GLY A 53 13.00 -7.23 -14.47
CA GLY A 53 13.58 -8.29 -15.26
C GLY A 53 13.21 -9.72 -14.97
N TYR A 54 12.43 -9.96 -13.93
CA TYR A 54 12.02 -11.30 -13.59
C TYR A 54 10.74 -11.65 -14.34
N ASP A 55 10.59 -12.91 -14.73
CA ASP A 55 9.39 -13.40 -15.37
C ASP A 55 8.53 -14.01 -14.28
N VAL A 56 7.50 -13.29 -13.86
CA VAL A 56 6.75 -13.60 -12.65
C VAL A 56 5.37 -14.22 -12.83
N THR A 57 5.13 -15.23 -12.00
CA THR A 57 3.83 -15.86 -11.82
C THR A 57 3.43 -15.58 -10.37
N ALA A 58 2.30 -14.88 -10.19
CA ALA A 58 1.81 -14.46 -8.88
C ALA A 58 0.47 -15.14 -8.54
N TRP A 59 0.48 -15.91 -7.46
CA TRP A 59 -0.67 -16.67 -7.02
C TRP A 59 -1.06 -16.38 -5.56
N ASP A 60 -2.36 -16.20 -5.35
CA ASP A 60 -2.94 -16.12 -4.00
C ASP A 60 -4.45 -16.28 -4.09
N ASN A 62 -8.28 -14.70 -2.66
CA ASN A 62 -8.90 -13.37 -2.65
C ASN A 62 -9.07 -12.86 -4.05
N PRO A 63 -10.24 -13.15 -4.64
CA PRO A 63 -10.57 -12.73 -5.99
C PRO A 63 -10.45 -11.22 -6.21
N ALA A 64 -10.81 -10.41 -5.20
CA ALA A 64 -10.72 -8.95 -5.31
C ALA A 64 -9.28 -8.50 -5.38
N SER A 65 -8.44 -8.99 -4.48
CA SER A 65 -7.03 -8.64 -4.48
C SER A 65 -6.37 -9.07 -5.77
N ALA A 67 -7.74 -9.49 -8.69
CA ALA A 67 -8.23 -8.66 -9.77
C ALA A 67 -7.60 -7.25 -9.71
N ASN A 68 -7.38 -6.76 -8.50
CA ASN A 68 -6.70 -5.49 -8.29
C ASN A 68 -5.27 -5.55 -8.84
N LEU A 69 -4.59 -6.66 -8.60
CA LEU A 69 -3.21 -6.85 -9.07
C LEU A 69 -3.21 -6.89 -10.57
N GLU A 70 -4.15 -7.66 -11.10
CA GLU A 70 -4.26 -7.75 -12.53
C GLU A 70 -4.48 -6.37 -13.18
N ARG A 71 -5.27 -5.51 -12.52
CA ARG A 71 -5.56 -4.18 -13.07
CA ARG A 71 -5.56 -4.18 -13.04
C ARG A 71 -4.32 -3.29 -13.02
N ILE A 72 -3.53 -3.40 -11.95
CA ILE A 72 -2.30 -2.62 -11.82
C ILE A 72 -1.29 -3.15 -12.85
N ALA A 74 -1.86 -4.43 -15.71
CA ALA A 74 -2.26 -3.91 -17.01
C ALA A 74 -1.87 -2.43 -17.18
N ALA A 75 -2.09 -1.61 -16.14
CA ALA A 75 -1.67 -0.22 -16.17
C ALA A 75 -0.15 -0.07 -16.36
N GLU A 76 0.60 -0.94 -15.69
CA GLU A 76 2.06 -0.94 -15.76
C GLU A 76 2.63 -1.69 -16.96
N GLY A 77 1.75 -2.24 -17.81
CA GLY A 77 2.19 -2.96 -19.00
C GLY A 77 3.16 -4.08 -18.68
N LEU A 78 2.90 -4.81 -17.61
CA LEU A 78 3.83 -5.87 -17.20
C LEU A 78 3.35 -7.19 -17.79
N ASP A 79 3.65 -7.38 -19.07
CA ASP A 79 3.28 -8.59 -19.77
C ASP A 79 4.02 -9.82 -19.20
N ASN A 80 5.13 -9.59 -18.52
CA ASN A 80 5.88 -10.68 -17.88
C ASN A 80 5.42 -10.96 -16.42
N LEU A 81 4.17 -10.64 -16.12
CA LEU A 81 3.57 -10.90 -14.81
C LEU A 81 2.24 -11.58 -15.07
N GLN A 82 2.13 -12.85 -14.67
CA GLN A 82 0.92 -13.66 -14.84
C GLN A 82 0.30 -13.84 -13.46
N THR A 83 -1.02 -13.70 -13.35
CA THR A 83 -1.69 -13.85 -12.08
C THR A 83 -2.71 -14.96 -12.18
N ASP A 84 -2.96 -15.68 -11.09
CA ASP A 84 -4.00 -16.71 -11.04
C ASP A 84 -4.50 -16.79 -9.61
N LEU A 85 -5.78 -17.09 -9.44
CA LEU A 85 -6.39 -17.31 -8.13
C LEU A 85 -6.15 -18.74 -7.69
N VAL A 86 -5.66 -18.94 -6.46
CA VAL A 86 -5.41 -20.28 -5.92
C VAL A 86 -5.84 -20.37 -4.46
N ASP A 87 -5.92 -21.60 -3.95
CA ASP A 87 -6.07 -21.85 -2.53
C ASP A 87 -4.82 -22.63 -2.09
N LEU A 88 -3.94 -21.98 -1.33
CA LEU A 88 -2.67 -22.63 -0.99
C LEU A 88 -2.85 -23.87 -0.10
N ASN A 89 -4.00 -24.00 0.54
CA ASN A 89 -4.33 -25.17 1.35
C ASN A 89 -4.67 -26.42 0.52
N THR A 90 -5.09 -26.24 -0.73
CA THR A 90 -5.43 -27.38 -1.60
C THR A 90 -4.57 -27.49 -2.88
N LEU A 91 -3.80 -26.46 -3.18
CA LEU A 91 -3.00 -26.42 -4.40
C LEU A 91 -1.88 -27.45 -4.49
N THR A 92 -1.82 -28.15 -5.63
CA THR A 92 -0.62 -28.88 -6.01
C THR A 92 -0.31 -28.33 -7.40
N PHE A 93 0.96 -27.95 -7.61
CA PHE A 93 1.38 -27.35 -8.86
C PHE A 93 2.58 -28.06 -9.46
N ASP A 94 2.84 -27.77 -10.73
CA ASP A 94 3.98 -28.33 -11.45
C ASP A 94 4.70 -27.11 -11.99
N GLY A 95 5.83 -27.32 -12.65
CA GLY A 95 6.62 -26.22 -13.15
C GLY A 95 8.05 -26.32 -12.74
N GLU A 96 8.89 -25.47 -13.35
CA GLU A 96 10.30 -25.45 -13.09
C GLU A 96 10.69 -23.99 -13.01
N TYR A 97 11.01 -23.53 -11.81
CA TYR A 97 11.34 -22.14 -11.57
C TYR A 97 12.79 -21.90 -11.14
N ASP A 98 13.29 -20.72 -11.49
CA ASP A 98 14.58 -20.24 -11.05
C ASP A 98 14.51 -19.70 -9.62
N PHE A 99 13.34 -19.22 -9.23
CA PHE A 99 13.20 -18.54 -7.96
C PHE A 99 11.77 -18.70 -7.47
N ILE A 100 11.58 -19.23 -6.26
CA ILE A 100 10.25 -19.24 -5.63
C ILE A 100 10.35 -18.51 -4.33
N LEU A 101 9.36 -17.67 -4.06
CA LEU A 101 9.36 -16.86 -2.84
C LEU A 101 8.03 -17.01 -2.14
N SER A 102 8.07 -17.05 -0.80
CA SER A 102 6.85 -17.11 -0.01
C SER A 102 7.05 -16.22 1.21
N THR A 103 6.48 -15.02 1.20
CA THR A 103 6.76 -14.05 2.25
C THR A 103 5.52 -13.71 3.04
N VAL A 104 5.57 -14.07 4.33
CA VAL A 104 4.52 -13.78 5.29
C VAL A 104 3.16 -14.26 4.82
N VAL A 105 3.08 -15.49 4.35
CA VAL A 105 1.82 -16.07 3.90
CA VAL A 105 1.79 -16.03 3.97
C VAL A 105 1.49 -17.35 4.66
N PHE A 108 -0.96 -17.90 7.84
CA PHE A 108 -2.42 -17.92 7.65
C PHE A 108 -2.93 -19.22 7.05
N LEU A 109 -2.02 -20.15 6.78
CA LEU A 109 -2.40 -21.44 6.21
C LEU A 109 -2.58 -22.48 7.30
N GLU A 110 -3.31 -23.56 6.99
CA GLU A 110 -3.48 -24.64 7.95
C GLU A 110 -2.13 -25.31 8.19
N ALA A 111 -1.85 -25.67 9.44
CA ALA A 111 -0.55 -26.24 9.74
C ALA A 111 -0.20 -27.46 8.88
N GLN A 112 -1.23 -28.26 8.57
CA GLN A 112 -1.04 -29.49 7.79
C GLN A 112 -0.69 -29.24 6.30
N THR A 113 -1.01 -28.06 5.81
CA THR A 113 -0.65 -27.66 4.45
C THR A 113 0.88 -27.51 4.23
N ILE A 114 1.56 -27.03 5.26
CA ILE A 114 2.97 -26.59 5.11
C ILE A 114 3.97 -27.64 4.60
N PRO A 115 3.98 -28.85 5.19
CA PRO A 115 4.98 -29.83 4.70
C PRO A 115 4.87 -30.09 3.19
N GLY A 116 3.66 -30.29 2.70
CA GLY A 116 3.42 -30.58 1.30
C GLY A 116 3.68 -29.39 0.41
N LEU A 117 3.36 -28.20 0.90
CA LEU A 117 3.58 -27.00 0.16
C LEU A 117 5.09 -26.76 -0.03
N ILE A 118 5.88 -26.89 1.03
CA ILE A 118 7.33 -26.75 0.90
C ILE A 118 7.93 -27.84 -0.01
N ALA A 119 7.43 -29.07 0.09
CA ALA A 119 7.89 -30.14 -0.80
C ALA A 119 7.64 -29.76 -2.23
N ASN A 120 6.47 -29.16 -2.48
CA ASN A 120 6.10 -28.72 -3.82
C ASN A 120 6.98 -27.59 -4.38
N GLN A 122 10.07 -27.07 -3.40
CA GLN A 122 11.39 -27.68 -3.61
C GLN A 122 11.52 -28.45 -4.93
N ARG A 123 10.51 -29.26 -5.27
CA ARG A 123 10.60 -30.08 -6.49
C ARG A 123 10.38 -29.26 -7.76
N CYS A 124 9.74 -28.12 -7.62
CA CYS A 124 9.49 -27.21 -8.74
C CYS A 124 10.58 -26.14 -8.88
N THR A 125 11.67 -26.29 -8.14
CA THR A 125 12.82 -25.39 -8.25
C THR A 125 13.89 -26.07 -9.10
N PRO A 127 17.60 -27.12 -10.39
CA PRO A 127 18.90 -27.20 -9.74
C PRO A 127 19.63 -25.87 -9.90
N GLY A 128 20.18 -25.34 -8.81
CA GLY A 128 20.81 -24.03 -8.83
C GLY A 128 19.84 -22.87 -8.58
N GLY A 129 18.55 -23.21 -8.46
CA GLY A 129 17.51 -22.22 -8.20
C GLY A 129 17.47 -21.86 -6.72
N TYR A 130 16.66 -20.87 -6.42
CA TYR A 130 16.58 -20.35 -5.07
C TYR A 130 15.17 -20.38 -4.54
N ASN A 131 15.06 -20.61 -3.24
CA ASN A 131 13.78 -20.46 -2.53
C ASN A 131 13.95 -19.40 -1.45
N LEU A 132 13.04 -18.43 -1.39
CA LEU A 132 13.06 -17.43 -0.32
C LEU A 132 11.80 -17.60 0.53
N ILE A 133 11.99 -17.79 1.83
CA ILE A 133 10.82 -17.93 2.72
C ILE A 133 10.97 -16.97 3.89
N VAL A 134 9.91 -16.19 4.16
CA VAL A 134 9.88 -15.33 5.33
C VAL A 134 8.63 -15.76 6.07
N ALA A 135 8.76 -16.18 7.31
CA ALA A 135 7.60 -16.70 8.01
C ALA A 135 7.69 -16.58 9.49
N ALA A 136 6.52 -16.41 10.09
CA ALA A 136 6.40 -16.26 11.53
C ALA A 136 6.87 -17.53 12.21
N ASP A 138 7.34 -19.44 16.32
CA ASP A 138 6.75 -19.50 17.65
CA ASP A 138 6.74 -19.55 17.65
C ASP A 138 7.86 -19.40 18.68
N PHE A 148 -2.02 -17.02 12.99
CA PHE A 148 -2.67 -17.80 14.04
C PHE A 148 -2.63 -19.32 13.81
N PRO A 149 -3.11 -19.81 12.64
CA PRO A 149 -3.08 -21.27 12.45
C PRO A 149 -1.69 -21.94 12.31
N PHE A 150 -0.66 -21.20 11.90
CA PHE A 150 0.67 -21.81 11.78
C PHE A 150 1.82 -20.89 12.11
N ALA A 151 2.86 -21.46 12.70
CA ALA A 151 4.13 -20.79 12.93
C ALA A 151 5.19 -21.87 13.01
N PHE A 152 6.36 -21.56 12.47
CA PHE A 152 7.51 -22.48 12.52
C PHE A 152 8.11 -22.52 13.90
N GLU A 154 11.66 -23.06 16.28
CA GLU A 154 13.09 -22.79 16.08
C GLU A 154 13.74 -23.92 15.27
N GLY A 155 14.52 -23.55 14.25
CA GLY A 155 15.22 -24.52 13.42
C GLY A 155 14.40 -25.30 12.41
N GLU A 156 13.07 -25.24 12.47
CA GLU A 156 12.24 -26.09 11.63
C GLU A 156 12.38 -25.79 10.13
N LEU A 157 12.41 -24.52 9.78
CA LEU A 157 12.48 -24.12 8.38
C LEU A 157 13.78 -24.63 7.78
N ARG A 158 14.84 -24.52 8.56
CA ARG A 158 16.14 -25.02 8.19
C ARG A 158 16.18 -26.54 8.02
N ARG A 159 15.48 -27.29 8.87
CA ARG A 159 15.45 -28.76 8.73
CA ARG A 159 15.42 -28.77 8.75
C ARG A 159 14.75 -29.19 7.43
N TYR A 160 13.68 -28.49 7.07
CA TYR A 160 13.03 -28.78 5.79
C TYR A 160 13.99 -28.65 4.60
N TYR A 161 14.98 -27.78 4.73
CA TYR A 161 15.87 -27.48 3.61
C TYR A 161 17.24 -28.15 3.71
N GLU A 162 17.30 -29.25 4.45
CA GLU A 162 18.52 -30.09 4.51
C GLU A 162 18.94 -30.49 3.11
N GLY A 163 20.22 -30.34 2.81
CA GLY A 163 20.72 -30.67 1.48
C GLY A 163 20.78 -29.50 0.51
N TRP A 164 20.13 -28.38 0.84
CA TRP A 164 20.25 -27.16 0.03
C TRP A 164 21.36 -26.30 0.61
N ASP A 165 21.95 -25.43 -0.20
CA ASP A 165 22.93 -24.48 0.31
C ASP A 165 22.20 -23.41 1.08
N LEU A 167 22.24 -20.35 2.18
CA LEU A 167 22.92 -19.07 1.96
C LEU A 167 22.65 -17.99 3.03
N TYR A 169 20.01 -17.35 6.62
CA TYR A 169 19.00 -17.88 7.54
C TYR A 169 19.02 -17.06 8.80
N ASN A 170 18.01 -16.21 8.99
CA ASN A 170 17.89 -15.39 10.17
C ASN A 170 16.59 -15.68 10.91
N GLU A 171 16.69 -15.79 12.23
CA GLU A 171 15.53 -15.95 13.12
C GLU A 171 15.64 -14.76 13.98
N ASP A 172 14.91 -13.70 13.62
CA ASP A 172 15.00 -12.42 14.33
C ASP A 172 13.62 -11.73 14.44
N VAL A 173 13.47 -10.82 15.41
CA VAL A 173 12.21 -10.10 15.59
C VAL A 173 11.93 -9.24 14.35
N GLY A 174 10.65 -9.00 14.07
CA GLY A 174 10.22 -8.21 12.92
C GLY A 174 8.73 -7.88 12.98
N LEU A 188 6.56 -10.19 16.76
CA LEU A 188 6.61 -11.61 16.42
C LEU A 188 8.01 -11.90 15.86
N ARG A 189 8.53 -13.11 16.10
CA ARG A 189 9.80 -13.50 15.49
C ARG A 189 9.49 -14.10 14.13
N PHE A 190 10.33 -13.77 13.15
CA PHE A 190 10.21 -14.28 11.82
C PHE A 190 11.51 -14.98 11.45
N ALA A 191 11.36 -16.08 10.75
CA ALA A 191 12.45 -16.81 10.15
C ALA A 191 12.56 -16.32 8.72
N THR A 192 13.75 -15.89 8.34
CA THR A 192 14.03 -15.53 6.97
C THR A 192 15.10 -16.43 6.41
N LEU A 194 17.10 -17.88 2.71
CA LEU A 194 17.38 -17.89 1.30
C LEU A 194 18.27 -19.10 1.06
N ALA A 195 17.72 -20.09 0.36
CA ALA A 195 18.42 -21.34 0.14
C ALA A 195 18.53 -21.59 -1.35
N ARG A 196 19.62 -22.24 -1.74
CA ARG A 196 19.88 -22.54 -3.14
C ARG A 196 20.00 -24.05 -3.33
N THR A 198 21.04 -27.53 -4.85
CA THR A 198 22.32 -27.97 -5.40
C THR A 198 22.14 -28.34 -6.89
N ALA A 199 23.26 -28.39 -7.60
CA ALA A 199 23.24 -28.62 -9.03
C ALA A 199 23.86 -29.95 -9.41
N GLY B 1 -16.79 -14.36 16.43
CA GLY B 1 -17.75 -13.61 15.59
C GLY B 1 -17.22 -12.30 15.01
N THR B 3 -15.42 -9.12 13.72
CA THR B 3 -14.11 -8.64 13.30
C THR B 3 -14.34 -7.20 12.89
N VAL B 4 -13.84 -6.26 13.68
CA VAL B 4 -14.01 -4.84 13.42
C VAL B 4 -13.25 -4.44 12.16
N ARG B 5 -13.91 -3.66 11.29
CA ARG B 5 -13.27 -3.23 10.06
C ARG B 5 -12.55 -1.93 10.29
N ASP B 6 -11.39 -2.06 10.93
CA ASP B 6 -10.57 -0.92 11.33
C ASP B 6 -9.30 -0.83 10.45
N GLU B 7 -8.33 -0.02 10.88
CA GLU B 7 -7.08 0.12 10.12
C GLU B 7 -6.32 -1.18 9.90
N ASN B 8 -6.44 -2.13 10.82
CA ASN B 8 -5.75 -3.38 10.69
C ASN B 8 -6.43 -4.30 9.68
N TYR B 9 -7.77 -4.21 9.61
CA TYR B 9 -8.56 -5.05 8.73
C TYR B 9 -8.26 -4.84 7.25
N PHE B 10 -8.30 -3.59 6.82
CA PHE B 10 -8.11 -3.29 5.40
C PHE B 10 -6.68 -3.55 4.97
N THR B 11 -5.74 -3.38 5.89
CA THR B 11 -4.35 -3.64 5.57
C THR B 11 -4.10 -5.14 5.45
N GLU B 12 -4.61 -5.92 6.40
CA GLU B 12 -4.44 -7.35 6.33
C GLU B 12 -5.21 -7.98 5.16
N TYR B 14 -6.52 -6.48 2.28
CA TYR B 14 -6.22 -5.99 0.94
C TYR B 14 -4.80 -5.49 0.70
N GLY B 15 -3.99 -5.38 1.74
CA GLY B 15 -2.61 -5.00 1.58
C GLY B 15 -2.40 -3.56 1.23
N LEU B 16 -3.43 -2.73 1.47
CA LEU B 16 -3.28 -1.30 1.28
C LEU B 16 -2.51 -0.80 2.49
N THR B 17 -1.76 0.28 2.31
CA THR B 17 -1.09 0.93 3.44
C THR B 17 -2.10 1.26 4.55
N ARG B 18 -1.63 1.23 5.79
CA ARG B 18 -2.46 1.54 6.95
C ARG B 18 -3.12 2.90 6.84
N THR B 19 -4.37 2.97 7.30
CA THR B 19 -5.12 4.22 7.35
C THR B 19 -4.23 5.34 7.87
N HIS B 20 -4.29 6.50 7.24
CA HIS B 20 -3.43 7.59 7.63
C HIS B 20 -3.63 7.92 9.11
N SER B 21 -2.52 8.07 9.84
CA SER B 21 -2.57 8.38 11.28
C SER B 21 -3.43 9.56 11.66
N ASP B 22 -3.39 10.60 10.85
CA ASP B 22 -4.16 11.80 11.13
C ASP B 22 -5.64 11.62 10.85
N VAL B 23 -5.97 10.68 9.97
CA VAL B 23 -7.36 10.35 9.71
C VAL B 23 -7.93 9.54 10.90
N LEU B 24 -7.16 8.61 11.42
CA LEU B 24 -7.58 7.87 12.61
C LEU B 24 -7.76 8.83 13.80
N ALA B 25 -6.84 9.78 13.94
CA ALA B 25 -6.92 10.79 15.00
C ALA B 25 -8.14 11.71 14.82
N ALA B 26 -8.39 12.13 13.58
CA ALA B 26 -9.54 13.00 13.32
C ALA B 26 -10.86 12.28 13.57
N ALA B 27 -10.88 10.98 13.32
CA ALA B 27 -12.09 10.17 13.48
C ALA B 27 -12.52 10.04 14.95
N VAL B 29 -12.39 12.66 16.92
CA VAL B 29 -12.94 14.00 17.16
C VAL B 29 -14.21 14.30 16.34
N VAL B 30 -14.19 13.88 15.08
CA VAL B 30 -15.26 14.18 14.16
C VAL B 30 -16.31 13.07 14.14
N ALA B 31 -17.51 13.41 14.58
CA ALA B 31 -18.64 12.48 14.57
C ALA B 31 -18.90 11.99 13.16
N PRO B 32 -19.26 10.71 12.99
CA PRO B 32 -19.62 10.18 11.68
C PRO B 32 -20.62 11.08 10.93
N GLY B 33 -20.31 11.41 9.68
CA GLY B 33 -21.17 12.26 8.87
C GLY B 33 -20.83 12.25 7.40
N ARG B 34 -21.41 13.20 6.66
CA ARG B 34 -21.18 13.34 5.21
C ARG B 34 -19.75 13.78 5.02
N THR B 35 -18.98 12.92 4.35
CA THR B 35 -17.55 13.06 4.24
C THR B 35 -17.07 13.05 2.78
N LEU B 36 -16.18 13.99 2.45
CA LEU B 36 -15.57 14.03 1.12
C LEU B 36 -14.06 13.82 1.25
N ASP B 37 -13.56 12.75 0.64
CA ASP B 37 -12.15 12.43 0.58
C ASP B 37 -11.66 12.95 -0.78
N LEU B 38 -11.07 14.14 -0.74
CA LEU B 38 -10.67 14.89 -1.92
C LEU B 38 -9.25 14.51 -2.28
N GLY B 39 -9.13 13.53 -3.16
CA GLY B 39 -7.82 12.95 -3.53
C GLY B 39 -7.64 11.71 -2.66
N CYS B 40 -8.54 10.75 -2.83
CA CYS B 40 -8.60 9.57 -1.98
C CYS B 40 -7.49 8.54 -2.22
N GLY B 41 -6.68 8.73 -3.27
CA GLY B 41 -5.62 7.79 -3.61
C GLY B 41 -6.19 6.42 -3.92
N ASN B 42 -5.74 5.41 -3.19
CA ASN B 42 -6.26 4.07 -3.41
C ASN B 42 -7.48 3.80 -2.54
N GLY B 43 -7.93 4.83 -1.82
CA GLY B 43 -9.18 4.79 -1.05
C GLY B 43 -9.11 4.19 0.33
N ARG B 44 -7.91 3.97 0.84
CA ARG B 44 -7.77 3.36 2.14
C ARG B 44 -8.41 4.13 3.27
N ASN B 45 -8.31 5.46 3.25
CA ASN B 45 -8.95 6.28 4.28
C ASN B 45 -10.46 6.30 4.12
N SER B 46 -10.92 6.26 2.87
CA SER B 46 -12.35 6.23 2.55
C SER B 46 -12.98 4.91 2.99
N LEU B 47 -12.26 3.81 2.76
CA LEU B 47 -12.71 2.51 3.21
C LEU B 47 -12.85 2.47 4.74
N TYR B 48 -11.82 2.94 5.44
CA TYR B 48 -11.89 2.99 6.90
C TYR B 48 -13.12 3.81 7.37
N LEU B 49 -13.28 5.00 6.82
CA LEU B 49 -14.35 5.89 7.27
C LEU B 49 -15.72 5.32 6.95
N ALA B 50 -15.88 4.79 5.74
CA ALA B 50 -17.16 4.23 5.33
C ALA B 50 -17.51 3.00 6.15
N ALA B 51 -16.53 2.20 6.55
CA ALA B 51 -16.79 1.03 7.38
C ALA B 51 -17.11 1.38 8.82
N ASN B 52 -16.81 2.62 9.22
CA ASN B 52 -17.06 3.09 10.57
C ASN B 52 -18.11 4.19 10.68
N GLY B 53 -19.12 4.17 9.80
CA GLY B 53 -20.27 5.04 9.94
C GLY B 53 -20.29 6.38 9.22
N TYR B 54 -19.25 6.70 8.47
CA TYR B 54 -19.23 7.96 7.71
C TYR B 54 -19.84 7.70 6.34
N ASP B 55 -20.57 8.69 5.82
CA ASP B 55 -21.16 8.59 4.49
C ASP B 55 -20.16 9.27 3.56
N VAL B 56 -19.41 8.46 2.82
CA VAL B 56 -18.22 8.93 2.12
C VAL B 56 -18.33 9.06 0.62
N THR B 57 -17.78 10.16 0.11
CA THR B 57 -17.61 10.37 -1.34
C THR B 57 -16.11 10.45 -1.57
N ALA B 58 -15.57 9.63 -2.47
CA ALA B 58 -14.12 9.51 -2.69
C ALA B 58 -13.74 9.84 -4.13
N TRP B 59 -12.88 10.85 -4.30
CA TRP B 59 -12.53 11.35 -5.62
C TRP B 59 -11.04 11.35 -5.82
N ASP B 60 -10.62 10.76 -6.93
CA ASP B 60 -9.24 10.84 -7.38
C ASP B 60 -9.14 10.45 -8.87
N ASN B 62 -6.51 8.17 -10.58
CA ASN B 62 -5.79 7.03 -11.14
C ASN B 62 -6.82 5.95 -11.48
N PRO B 63 -7.00 5.65 -12.78
CA PRO B 63 -8.07 4.70 -13.13
C PRO B 63 -7.91 3.33 -12.52
N ALA B 64 -6.68 2.82 -12.48
CA ALA B 64 -6.42 1.53 -11.87
C ALA B 64 -6.85 1.59 -10.41
N SER B 65 -6.31 2.54 -9.65
CA SER B 65 -6.63 2.64 -8.24
C SER B 65 -8.12 2.83 -7.96
N ALA B 67 -10.67 1.91 -10.05
CA ALA B 67 -11.33 0.65 -10.41
C ALA B 67 -11.20 -0.34 -9.25
N ASN B 68 -10.00 -0.42 -8.69
CA ASN B 68 -9.74 -1.29 -7.54
C ASN B 68 -10.57 -0.90 -6.32
N LEU B 69 -10.68 0.40 -6.07
CA LEU B 69 -11.48 0.92 -4.94
C LEU B 69 -12.95 0.53 -5.11
N GLU B 70 -13.47 0.69 -6.32
CA GLU B 70 -14.82 0.18 -6.60
C GLU B 70 -14.93 -1.33 -6.38
N ARG B 71 -13.87 -2.07 -6.69
CA ARG B 71 -13.87 -3.51 -6.50
C ARG B 71 -13.90 -3.87 -5.00
N ILE B 72 -13.14 -3.14 -4.20
CA ILE B 72 -13.11 -3.40 -2.76
C ILE B 72 -14.46 -2.98 -2.15
N ALA B 74 -17.42 -2.99 -3.50
CA ALA B 74 -18.38 -4.02 -3.81
C ALA B 74 -18.20 -5.25 -2.91
N ALA B 75 -16.97 -5.74 -2.79
CA ALA B 75 -16.69 -6.89 -1.97
C ALA B 75 -17.08 -6.63 -0.51
N GLU B 76 -16.87 -5.40 -0.04
CA GLU B 76 -17.14 -5.06 1.36
C GLU B 76 -18.55 -4.56 1.59
N GLY B 77 -19.36 -4.54 0.55
CA GLY B 77 -20.74 -4.07 0.70
C GLY B 77 -20.85 -2.68 1.29
N LEU B 78 -19.96 -1.79 0.90
CA LEU B 78 -19.97 -0.41 1.39
C LEU B 78 -20.85 0.46 0.49
N ASP B 79 -22.16 0.30 0.71
CA ASP B 79 -23.12 1.08 -0.06
CA ASP B 79 -23.21 1.06 0.05
C ASP B 79 -23.04 2.57 0.24
N ASN B 80 -22.44 2.94 1.37
CA ASN B 80 -22.28 4.33 1.77
C ASN B 80 -20.94 4.92 1.31
N LEU B 81 -20.35 4.32 0.28
CA LEU B 81 -19.11 4.80 -0.27
C LEU B 81 -19.34 5.04 -1.74
N GLN B 82 -19.22 6.29 -2.18
CA GLN B 82 -19.43 6.67 -3.56
C GLN B 82 -18.07 7.08 -4.11
N THR B 83 -17.73 6.58 -5.30
CA THR B 83 -16.46 6.91 -5.94
C THR B 83 -16.71 7.57 -7.30
N ASP B 84 -15.80 8.46 -7.69
CA ASP B 84 -15.84 9.13 -9.00
C ASP B 84 -14.40 9.46 -9.42
N LEU B 85 -14.15 9.35 -10.72
CA LEU B 85 -12.86 9.68 -11.30
C LEU B 85 -12.88 11.16 -11.56
N VAL B 86 -12.01 11.89 -10.87
CA VAL B 86 -12.01 13.34 -10.87
C VAL B 86 -10.58 13.88 -10.97
N ASP B 87 -10.39 14.89 -11.80
CA ASP B 87 -9.13 15.62 -11.90
C ASP B 87 -9.23 16.86 -11.02
N LEU B 88 -8.54 16.85 -9.88
CA LEU B 88 -8.55 17.98 -8.94
C LEU B 88 -8.03 19.29 -9.53
N ASN B 89 -7.26 19.23 -10.61
CA ASN B 89 -6.74 20.44 -11.26
C ASN B 89 -7.83 21.23 -11.99
N THR B 90 -8.95 20.61 -12.31
CA THR B 90 -9.99 21.31 -13.05
C THR B 90 -11.33 21.30 -12.32
N LEU B 91 -11.38 20.68 -11.15
CA LEU B 91 -12.61 20.51 -10.41
C LEU B 91 -13.14 21.74 -9.70
N THR B 92 -14.44 21.95 -9.86
CA THR B 92 -15.21 22.83 -9.00
C THR B 92 -16.45 21.99 -8.64
N PHE B 93 -16.78 21.95 -7.34
CA PHE B 93 -17.92 21.17 -6.85
C PHE B 93 -18.82 22.01 -5.96
N ASP B 94 -20.02 21.50 -5.70
CA ASP B 94 -21.00 22.15 -4.84
C ASP B 94 -21.54 21.08 -3.90
N GLY B 95 -22.35 21.49 -2.92
CA GLY B 95 -22.88 20.55 -1.94
C GLY B 95 -22.49 20.95 -0.53
N GLU B 96 -22.77 20.07 0.43
CA GLU B 96 -22.48 20.36 1.83
C GLU B 96 -21.95 19.12 2.52
N TYR B 97 -20.81 19.27 3.21
CA TYR B 97 -20.21 18.16 3.93
C TYR B 97 -19.95 18.48 5.39
N ASP B 98 -20.00 17.43 6.21
CA ASP B 98 -19.63 17.52 7.61
C ASP B 98 -18.11 17.45 7.79
N PHE B 99 -17.44 16.80 6.85
CA PHE B 99 -16.02 16.53 6.97
C PHE B 99 -15.45 16.42 5.57
N ILE B 100 -14.43 17.21 5.28
CA ILE B 100 -13.67 17.10 4.04
C ILE B 100 -12.23 16.84 4.43
N LEU B 101 -11.60 15.90 3.75
CA LEU B 101 -10.20 15.63 4.00
C LEU B 101 -9.47 15.55 2.67
N SER B 102 -8.22 15.98 2.71
CA SER B 102 -7.34 15.90 1.57
C SER B 102 -5.93 15.63 2.09
N THR B 103 -5.47 14.38 1.92
CA THR B 103 -4.19 13.99 2.50
C THR B 103 -3.16 13.57 1.46
N VAL B 104 -1.98 14.17 1.56
CA VAL B 104 -0.80 13.88 0.72
C VAL B 104 -1.07 13.79 -0.78
N VAL B 105 -1.90 14.68 -1.29
CA VAL B 105 -2.27 14.68 -2.72
C VAL B 105 -2.04 16.05 -3.39
N PHE B 108 1.03 17.01 -5.82
CA PHE B 108 1.03 16.60 -7.23
C PHE B 108 0.17 17.50 -8.12
N LEU B 109 -0.47 18.50 -7.52
CA LEU B 109 -1.32 19.41 -8.25
C LEU B 109 -0.56 20.67 -8.67
N GLU B 110 -1.10 21.38 -9.64
CA GLU B 110 -0.50 22.63 -10.07
C GLU B 110 -0.70 23.64 -8.96
N ALA B 111 0.31 24.48 -8.74
CA ALA B 111 0.28 25.46 -7.66
C ALA B 111 -0.95 26.36 -7.74
N GLN B 112 -1.36 26.71 -8.96
CA GLN B 112 -2.50 27.58 -9.18
C GLN B 112 -3.84 26.94 -8.78
N THR B 113 -3.86 25.62 -8.67
CA THR B 113 -5.06 24.89 -8.28
C THR B 113 -5.43 25.12 -6.83
N ILE B 114 -4.41 25.26 -5.99
CA ILE B 114 -4.57 25.18 -4.53
C ILE B 114 -5.47 26.27 -3.92
N PRO B 115 -5.22 27.56 -4.22
CA PRO B 115 -6.09 28.57 -3.62
C PRO B 115 -7.60 28.30 -3.82
N GLY B 116 -7.98 28.02 -5.07
CA GLY B 116 -9.39 27.76 -5.39
C GLY B 116 -9.92 26.46 -4.81
N LEU B 117 -9.10 25.43 -4.79
CA LEU B 117 -9.50 24.14 -4.25
C LEU B 117 -9.83 24.26 -2.76
N ILE B 118 -8.95 24.92 -2.02
CA ILE B 118 -9.18 25.17 -0.60
C ILE B 118 -10.41 26.06 -0.37
N ALA B 119 -10.59 27.09 -1.19
CA ALA B 119 -11.77 27.93 -1.09
C ALA B 119 -13.02 27.08 -1.26
N ASN B 120 -12.98 26.14 -2.22
CA ASN B 120 -14.10 25.24 -2.53
C ASN B 120 -14.38 24.31 -1.36
N GLN B 122 -13.75 24.96 1.72
CA GLN B 122 -14.30 25.77 2.80
C GLN B 122 -15.78 26.09 2.62
N ARG B 123 -16.19 26.50 1.42
CA ARG B 123 -17.58 26.86 1.21
C ARG B 123 -18.53 25.65 1.21
N CYS B 124 -18.01 24.46 0.94
CA CYS B 124 -18.84 23.24 0.94
C CYS B 124 -18.79 22.51 2.27
N THR B 125 -18.27 23.18 3.30
CA THR B 125 -18.20 22.63 4.66
C THR B 125 -19.31 23.29 5.48
N PRO B 127 -21.49 24.64 8.71
CA PRO B 127 -21.04 25.30 9.93
C PRO B 127 -20.78 24.29 11.04
N GLY B 128 -19.65 24.45 11.73
CA GLY B 128 -19.22 23.49 12.73
C GLY B 128 -18.58 22.25 12.12
N GLY B 129 -18.46 22.22 10.79
CA GLY B 129 -17.87 21.08 10.09
C GLY B 129 -16.36 21.13 10.14
N TYR B 130 -15.70 20.09 9.63
CA TYR B 130 -14.26 20.00 9.74
C TYR B 130 -13.55 19.81 8.42
N ASN B 131 -12.36 20.39 8.33
CA ASN B 131 -11.44 20.09 7.24
C ASN B 131 -10.13 19.55 7.81
N LEU B 132 -9.65 18.45 7.21
CA LEU B 132 -8.37 17.87 7.51
C LEU B 132 -7.49 17.97 6.25
N ILE B 133 -6.33 18.61 6.38
CA ILE B 133 -5.38 18.68 5.27
C ILE B 133 -4.02 18.21 5.77
N VAL B 134 -3.37 17.37 4.97
CA VAL B 134 -2.01 16.95 5.19
C VAL B 134 -1.32 17.14 3.84
N ALA B 135 -0.29 17.99 3.81
CA ALA B 135 0.39 18.31 2.56
C ALA B 135 1.85 18.68 2.78
N ALA B 136 2.70 18.35 1.83
CA ALA B 136 4.13 18.66 1.89
C ALA B 136 4.36 20.15 1.85
N ASP B 138 7.61 23.37 1.63
CA ASP B 138 8.92 23.77 1.13
C ASP B 138 9.42 24.82 2.10
N THR B 139 10.43 24.48 2.88
CA THR B 139 10.89 25.35 3.96
C THR B 139 12.39 25.55 3.86
N PRO B 140 12.92 26.60 4.52
CA PRO B 140 14.36 26.85 4.52
C PRO B 140 15.19 25.70 5.08
N ASP B 141 14.69 25.08 6.15
CA ASP B 141 15.38 23.95 6.76
C ASP B 141 15.20 22.63 6.00
N PHE B 142 14.08 22.49 5.29
CA PHE B 142 13.81 21.27 4.52
C PHE B 142 13.23 21.62 3.15
N PRO B 143 14.09 22.11 2.23
CA PRO B 143 13.64 22.53 0.90
C PRO B 143 13.03 21.40 0.08
N CYS B 144 11.97 21.70 -0.67
CA CYS B 144 11.38 20.74 -1.58
C CYS B 144 11.86 21.04 -2.99
N THR B 145 12.94 20.36 -3.38
CA THR B 145 13.53 20.52 -4.70
C THR B 145 13.45 19.21 -5.47
N VAL B 146 12.42 18.41 -5.17
CA VAL B 146 12.27 17.09 -5.80
C VAL B 146 11.57 17.18 -7.15
N GLY B 147 10.82 18.27 -7.37
CA GLY B 147 10.12 18.49 -8.64
C GLY B 147 8.61 18.41 -8.56
N PHE B 148 8.05 18.47 -7.35
CA PHE B 148 6.61 18.48 -7.20
C PHE B 148 6.11 19.85 -7.59
N PRO B 149 4.99 19.90 -8.33
CA PRO B 149 4.45 21.18 -8.75
C PRO B 149 3.98 22.09 -7.61
N PHE B 150 3.71 21.55 -6.42
CA PHE B 150 3.26 22.35 -5.31
C PHE B 150 3.74 21.92 -3.92
N ALA B 151 3.97 22.91 -3.06
CA ALA B 151 4.23 22.69 -1.64
C ALA B 151 3.89 23.97 -0.85
N PHE B 152 3.35 23.78 0.35
CA PHE B 152 3.03 24.91 1.23
C PHE B 152 4.29 25.54 1.83
N GLU B 154 5.80 27.92 5.07
CA GLU B 154 5.56 28.01 6.53
C GLU B 154 4.42 28.98 6.84
N GLY B 155 3.47 28.51 7.65
CA GLY B 155 2.31 29.31 8.03
C GLY B 155 1.23 29.46 6.96
N GLU B 156 1.49 29.03 5.73
CA GLU B 156 0.56 29.29 4.63
C GLU B 156 -0.78 28.58 4.85
N LEU B 157 -0.73 27.31 5.24
CA LEU B 157 -1.95 26.56 5.44
C LEU B 157 -2.78 27.24 6.54
N ARG B 158 -2.14 27.63 7.64
CA ARG B 158 -2.85 28.29 8.73
C ARG B 158 -3.50 29.59 8.25
N ARG B 159 -2.80 30.36 7.43
CA ARG B 159 -3.35 31.61 6.90
C ARG B 159 -4.58 31.39 6.04
N TYR B 160 -4.63 30.29 5.31
CA TYR B 160 -5.82 29.99 4.50
C TYR B 160 -7.03 29.79 5.39
N TYR B 161 -6.82 29.26 6.60
CA TYR B 161 -7.92 28.94 7.49
C TYR B 161 -8.12 29.96 8.62
N GLU B 162 -7.82 31.22 8.30
CA GLU B 162 -8.11 32.32 9.21
C GLU B 162 -9.61 32.31 9.50
N GLY B 163 -9.98 32.41 10.76
CA GLY B 163 -11.39 32.41 11.15
C GLY B 163 -11.91 31.06 11.60
N TRP B 164 -11.17 30.00 11.31
CA TRP B 164 -11.54 28.66 11.75
C TRP B 164 -10.81 28.34 13.05
N ASP B 165 -11.35 27.41 13.82
CA ASP B 165 -10.70 26.94 15.03
C ASP B 165 -9.61 25.96 14.66
N LEU B 167 -7.89 23.19 15.69
CA LEU B 167 -7.84 22.11 16.67
C LEU B 167 -6.47 21.43 16.66
N TYR B 169 -2.80 21.98 14.46
CA TYR B 169 -1.97 22.59 13.43
C TYR B 169 -0.53 22.18 13.66
N ASN B 170 0.05 21.54 12.67
CA ASN B 170 1.32 20.90 12.86
C ASN B 170 2.18 21.01 11.59
N GLU B 171 3.46 21.28 11.76
CA GLU B 171 4.41 21.38 10.63
C GLU B 171 5.68 20.56 10.90
N ASP B 172 5.49 19.31 11.31
CA ASP B 172 6.60 18.44 11.68
C ASP B 172 7.31 17.89 10.46
N VAL B 173 8.56 17.46 10.65
CA VAL B 173 9.29 16.75 9.60
C VAL B 173 8.65 15.36 9.39
N GLY B 174 8.52 14.95 8.13
CA GLY B 174 8.02 13.64 7.74
C GLY B 174 8.93 13.11 6.66
N GLU B 175 8.43 12.24 5.77
CA GLU B 175 9.26 11.72 4.68
C GLU B 175 8.50 11.31 3.42
N LEU B 176 9.12 11.58 2.27
CA LEU B 176 8.58 11.20 0.99
C LEU B 176 8.95 9.77 0.74
N HIS B 177 8.38 9.21 -0.32
CA HIS B 177 8.74 7.88 -0.83
C HIS B 177 10.08 7.99 -1.57
N ARG B 178 10.24 9.09 -2.30
CA ARG B 178 11.39 9.34 -3.16
C ARG B 178 12.65 9.47 -2.32
N THR B 179 13.77 9.07 -2.88
CA THR B 179 15.04 9.12 -2.18
C THR B 179 15.98 10.16 -2.78
N ASP B 180 16.96 10.57 -1.99
CA ASP B 180 17.97 11.54 -2.40
C ASP B 180 19.10 10.83 -3.15
N GLU B 181 20.19 11.56 -3.43
CA GLU B 181 21.37 11.00 -4.11
C GLU B 181 21.95 9.75 -3.43
N ASN B 182 21.82 9.66 -2.11
CA ASN B 182 22.35 8.55 -1.32
C ASN B 182 21.34 7.42 -1.04
N GLY B 183 20.18 7.49 -1.70
CA GLY B 183 19.17 6.45 -1.55
C GLY B 183 18.42 6.51 -0.23
N ASN B 184 18.47 7.67 0.42
CA ASN B 184 17.77 7.90 1.68
C ASN B 184 16.50 8.66 1.38
N ARG B 185 15.36 8.16 1.89
CA ARG B 185 14.08 8.85 1.66
CA ARG B 185 14.09 8.83 1.66
C ARG B 185 14.12 10.29 2.10
N ILE B 186 13.73 11.17 1.19
CA ILE B 186 13.76 12.61 1.41
C ILE B 186 12.91 12.99 2.62
N LEU B 188 10.94 15.79 4.54
CA LEU B 188 10.25 17.03 4.22
C LEU B 188 9.38 17.38 5.39
N ARG B 189 9.07 18.65 5.55
CA ARG B 189 8.08 19.03 6.52
C ARG B 189 6.74 18.93 5.81
N PHE B 190 5.71 18.53 6.54
CA PHE B 190 4.37 18.46 6.04
C PHE B 190 3.49 19.34 6.93
N ALA B 191 2.52 20.03 6.33
CA ALA B 191 1.54 20.78 7.10
C ALA B 191 0.35 19.87 7.35
N THR B 192 0.07 19.60 8.63
CA THR B 192 -1.09 18.83 9.04
C THR B 192 -2.03 19.72 9.84
N LEU B 194 -6.22 20.21 11.36
CA LEU B 194 -7.59 19.83 11.57
C LEU B 194 -8.25 21.09 12.08
N ALA B 195 -9.15 21.65 11.27
CA ALA B 195 -9.82 22.90 11.56
C ALA B 195 -11.32 22.70 11.60
N ARG B 196 -11.96 23.43 12.52
CA ARG B 196 -13.41 23.40 12.69
CA ARG B 196 -13.40 23.40 12.65
C ARG B 196 -13.98 24.76 12.28
N THR B 198 -16.53 27.83 12.01
CA THR B 198 -17.33 28.50 13.02
C THR B 198 -18.82 28.21 12.78
N ALA B 199 -19.61 28.28 13.84
CA ALA B 199 -21.05 28.02 13.76
C ALA B 199 -21.81 29.19 14.32
#